data_7E57
#
_entry.id   7E57
#
_cell.length_a   80.386
_cell.length_b   62.564
_cell.length_c   85.756
_cell.angle_alpha   90.00
_cell.angle_beta   116.23
_cell.angle_gamma   90.00
#
_symmetry.space_group_name_H-M   'P 1 21 1'
#
loop_
_entity.id
_entity.type
_entity.pdbx_description
1 polymer 'Tumor necrosis factor ligand superfamily member 18'
2 polymer 'Tumor necrosis factor receptor superfamily member 18'
3 branched alpha-L-fucopyranose-(1-6)-2-acetamido-2-deoxy-beta-D-glucopyranose
4 branched 2-acetamido-2-deoxy-beta-D-glucopyranose-(1-4)-[alpha-L-fucopyranose-(1-6)]2-acetamido-2-deoxy-beta-D-glucopyranose
#
loop_
_entity_poly.entity_id
_entity_poly.type
_entity_poly.pdbx_seq_one_letter_code
_entity_poly.pdbx_strand_id
1 'polypeptide(L)'
;MEEMPLRESSPQRAERCKKSWLLCIVALLLMLLCSLGTLIYTSLKPTAIESCMVKFELSSSKWHMTSPKPHCVNTTSDGK
LKILQSGTYLIYGQVIPVDKKYIKDNAPFVVQIYKKNDVLQTLMNDFQILPIGGVYELHAGDNIYLKFNSKDHIQKTNTY
WGIILMPDLPFIS
;
A,B
2 'polypeptide(L)'
;MGAWAMLYGVSMLCVLDLGQPSVVEEPGCGPGKVQNGSGNNTRCCSLYAPGKEDCPKERCICVTPEYHCGDPQCKICKHY
PCQPGQRVESQGDIVFGFRCVACAMGTFSAGRDGHCRLWTNCSQFGFLTMFPGNKTHNAVCIPEPLPTEQYGHLTVIFLV
MAACIFFLTTVQLGLHIWQLRRQHMCPRETQPFAEVQLSAEDACSFQFPEEERGEQTEEKCHLGGRWP
;
C,D
#
loop_
_chem_comp.id
_chem_comp.type
_chem_comp.name
_chem_comp.formula
FUC L-saccharide, alpha linking alpha-L-fucopyranose 'C6 H12 O5'
NAG D-saccharide, beta linking 2-acetamido-2-deoxy-beta-D-glucopyranose 'C8 H15 N O6'
#
# COMPACT_ATOMS: atom_id res chain seq x y z
N SER A 51 -19.76 -9.59 -27.94
CA SER A 51 -18.99 -9.00 -26.84
C SER A 51 -19.91 -8.53 -25.72
N CYS A 52 -19.35 -8.32 -24.53
CA CYS A 52 -20.13 -7.87 -23.38
C CYS A 52 -19.17 -7.14 -22.44
N MET A 53 -19.29 -5.81 -22.38
CA MET A 53 -18.39 -5.01 -21.56
C MET A 53 -19.12 -3.78 -21.05
N VAL A 54 -18.75 -3.35 -19.84
CA VAL A 54 -19.36 -2.19 -19.19
C VAL A 54 -18.26 -1.33 -18.58
N LYS A 55 -18.56 -0.05 -18.40
CA LYS A 55 -17.67 0.91 -17.76
C LYS A 55 -18.50 1.90 -16.97
N PHE A 56 -18.17 2.05 -15.68
CA PHE A 56 -18.92 2.91 -14.78
C PHE A 56 -18.09 4.17 -14.51
N GLU A 57 -18.56 5.31 -15.03
CA GLU A 57 -17.94 6.59 -14.76
C GLU A 57 -18.50 7.14 -13.45
N LEU A 58 -17.63 7.29 -12.44
CA LEU A 58 -18.10 7.70 -11.12
C LEU A 58 -18.50 9.18 -11.10
N SER A 59 -17.86 10.01 -11.92
CA SER A 59 -18.18 11.43 -11.93
C SER A 59 -19.60 11.69 -12.41
N SER A 60 -20.11 10.84 -13.31
CA SER A 60 -21.46 10.98 -13.82
C SER A 60 -22.40 9.88 -13.34
N SER A 61 -21.89 8.86 -12.66
CA SER A 61 -22.69 7.74 -12.16
C SER A 61 -23.45 7.04 -13.28
N LYS A 62 -22.91 7.11 -14.50
CA LYS A 62 -23.53 6.49 -15.67
C LYS A 62 -22.60 5.41 -16.22
N TRP A 63 -23.20 4.33 -16.72
CA TRP A 63 -22.45 3.23 -17.30
C TRP A 63 -22.27 3.46 -18.80
N HIS A 64 -21.18 2.90 -19.34
CA HIS A 64 -20.95 2.89 -20.79
C HIS A 64 -20.95 1.43 -21.24
N MET A 65 -21.99 1.04 -21.96
CA MET A 65 -22.21 -0.36 -22.31
C MET A 65 -22.09 -0.58 -23.82
N THR A 66 -21.87 -1.84 -24.20
CA THR A 66 -21.84 -2.23 -25.60
C THR A 66 -23.23 -2.47 -26.17
N SER A 67 -24.24 -2.66 -25.31
CA SER A 67 -25.60 -2.88 -25.73
C SER A 67 -26.51 -2.44 -24.58
N PRO A 68 -27.67 -1.84 -24.88
CA PRO A 68 -28.56 -1.40 -23.80
C PRO A 68 -29.09 -2.55 -22.95
N LYS A 69 -29.03 -3.78 -23.44
CA LYS A 69 -29.47 -4.96 -22.69
C LYS A 69 -28.38 -6.01 -22.79
N PRO A 70 -27.35 -5.93 -21.95
CA PRO A 70 -26.26 -6.92 -22.01
C PRO A 70 -26.73 -8.27 -21.53
N HIS A 71 -26.30 -9.31 -22.24
CA HIS A 71 -26.65 -10.68 -21.89
C HIS A 71 -25.79 -11.25 -20.77
N CYS A 72 -24.84 -10.48 -20.24
CA CYS A 72 -23.92 -10.96 -19.23
C CYS A 72 -24.18 -10.40 -17.84
N VAL A 73 -24.45 -9.10 -17.73
CA VAL A 73 -24.59 -8.45 -16.43
C VAL A 73 -25.83 -7.55 -16.44
N ASN A 74 -26.33 -7.29 -15.23
CA ASN A 74 -27.36 -6.28 -15.00
C ASN A 74 -26.72 -5.16 -14.18
N THR A 75 -26.79 -3.94 -14.71
CA THR A 75 -26.13 -2.80 -14.09
C THR A 75 -27.12 -2.01 -13.24
N THR A 76 -26.63 -1.47 -12.14
CA THR A 76 -27.40 -0.61 -11.26
C THR A 76 -26.84 0.80 -11.30
N SER A 77 -27.60 1.74 -10.72
CA SER A 77 -27.24 3.15 -10.75
C SER A 77 -26.18 3.53 -9.72
N ASP A 78 -25.89 2.67 -8.75
CA ASP A 78 -24.89 2.95 -7.72
C ASP A 78 -23.56 2.25 -7.99
N GLY A 79 -23.39 1.62 -9.14
CA GLY A 79 -22.13 1.01 -9.50
C GLY A 79 -21.98 -0.43 -9.06
N LYS A 80 -23.07 -1.19 -9.10
CA LYS A 80 -23.05 -2.60 -8.74
C LYS A 80 -23.43 -3.45 -9.96
N LEU A 81 -23.11 -4.74 -9.87
CA LEU A 81 -23.29 -5.64 -11.00
C LEU A 81 -23.88 -6.97 -10.53
N LYS A 82 -24.81 -7.50 -11.30
CA LYS A 82 -25.35 -8.85 -11.12
C LYS A 82 -25.03 -9.66 -12.36
N ILE A 83 -24.32 -10.77 -12.18
CA ILE A 83 -23.92 -11.61 -13.30
C ILE A 83 -25.12 -12.41 -13.79
N LEU A 84 -25.41 -12.32 -15.08
CA LEU A 84 -26.53 -13.04 -15.68
C LEU A 84 -26.12 -14.32 -16.39
N GLN A 85 -24.92 -14.37 -16.95
CA GLN A 85 -24.42 -15.54 -17.65
C GLN A 85 -23.14 -16.02 -16.98
N SER A 86 -23.08 -17.32 -16.68
CA SER A 86 -21.91 -17.89 -16.03
C SER A 86 -20.76 -18.03 -17.02
N GLY A 87 -19.55 -17.87 -16.53
CA GLY A 87 -18.37 -17.98 -17.37
C GLY A 87 -17.22 -17.19 -16.78
N THR A 88 -16.14 -17.14 -17.55
CA THR A 88 -14.96 -16.39 -17.13
C THR A 88 -15.19 -14.91 -17.37
N TYR A 89 -14.82 -14.08 -16.39
CA TYR A 89 -14.97 -12.64 -16.49
C TYR A 89 -13.65 -11.96 -16.11
N LEU A 90 -13.57 -10.68 -16.44
CA LEU A 90 -12.40 -9.86 -16.14
C LEU A 90 -12.86 -8.55 -15.53
N ILE A 91 -12.67 -8.40 -14.23
CA ILE A 91 -12.92 -7.14 -13.55
C ILE A 91 -11.77 -6.19 -13.85
N TYR A 92 -12.08 -4.91 -13.96
CA TYR A 92 -11.06 -3.90 -14.24
C TYR A 92 -11.49 -2.58 -13.61
N GLY A 93 -10.59 -1.62 -13.62
CA GLY A 93 -10.87 -0.28 -13.15
C GLY A 93 -9.67 0.34 -12.45
N GLN A 94 -9.75 1.65 -12.23
CA GLN A 94 -8.74 2.42 -11.52
C GLN A 94 -9.44 3.32 -10.51
N VAL A 95 -9.09 3.18 -9.24
CA VAL A 95 -9.64 4.01 -8.17
C VAL A 95 -8.63 5.12 -7.89
N ILE A 96 -9.00 6.34 -8.25
CA ILE A 96 -8.11 7.50 -8.10
C ILE A 96 -8.43 8.17 -6.77
N PRO A 97 -7.54 8.13 -5.79
CA PRO A 97 -7.79 8.85 -4.53
C PRO A 97 -7.44 10.32 -4.65
N VAL A 98 -8.15 11.14 -3.87
CA VAL A 98 -7.81 12.55 -3.78
C VAL A 98 -6.46 12.69 -3.10
N ASP A 99 -5.74 13.77 -3.42
CA ASP A 99 -4.37 13.95 -2.96
C ASP A 99 -4.27 13.83 -1.44
N LYS A 100 -3.24 13.12 -0.98
CA LYS A 100 -3.06 12.88 0.45
C LYS A 100 -3.04 14.18 1.25
N LYS A 101 -2.52 15.24 0.66
CA LYS A 101 -2.51 16.54 1.33
C LYS A 101 -3.90 17.09 1.60
N TYR A 102 -4.96 16.47 1.05
CA TYR A 102 -6.32 16.90 1.30
C TYR A 102 -7.08 15.99 2.25
N ILE A 103 -6.49 14.87 2.67
CA ILE A 103 -7.17 13.93 3.56
C ILE A 103 -7.11 14.43 4.99
N LYS A 104 -8.24 14.42 5.68
CA LYS A 104 -8.30 14.76 7.09
C LYS A 104 -8.34 13.52 7.99
N ASP A 105 -9.29 12.63 7.74
CA ASP A 105 -9.43 11.40 8.53
C ASP A 105 -8.26 10.46 8.21
N ASN A 106 -7.37 10.26 9.18
CA ASN A 106 -6.18 9.43 8.98
C ASN A 106 -6.60 7.97 9.00
N ALA A 107 -7.13 7.51 7.86
CA ALA A 107 -7.55 6.15 7.66
C ALA A 107 -6.82 5.53 6.47
N PRO A 108 -6.46 4.26 6.54
CA PRO A 108 -5.77 3.63 5.41
C PRO A 108 -6.65 3.62 4.16
N PHE A 109 -6.04 3.93 3.02
CA PHE A 109 -6.74 3.88 1.74
C PHE A 109 -6.92 2.42 1.35
N VAL A 110 -8.09 1.87 1.67
CA VAL A 110 -8.38 0.45 1.46
C VAL A 110 -9.57 0.34 0.51
N VAL A 111 -9.46 -0.56 -0.47
CA VAL A 111 -10.53 -0.85 -1.41
C VAL A 111 -10.72 -2.36 -1.47
N GLN A 112 -11.98 -2.80 -1.49
CA GLN A 112 -12.31 -4.21 -1.58
C GLN A 112 -13.29 -4.44 -2.73
N ILE A 113 -13.03 -5.49 -3.51
CA ILE A 113 -13.95 -5.95 -4.54
C ILE A 113 -14.76 -7.10 -3.96
N TYR A 114 -16.08 -6.96 -3.95
CA TYR A 114 -16.97 -7.91 -3.29
C TYR A 114 -17.71 -8.75 -4.32
N LYS A 115 -17.68 -10.07 -4.13
CA LYS A 115 -18.65 -10.97 -4.74
C LYS A 115 -19.90 -10.94 -3.88
N LYS A 116 -20.80 -11.91 -4.06
CA LYS A 116 -22.04 -11.97 -3.29
C LYS A 116 -21.83 -11.61 -1.81
N ASN A 117 -20.99 -12.38 -1.11
CA ASN A 117 -20.53 -11.97 0.21
C ASN A 117 -19.07 -12.32 0.44
N ASP A 118 -18.33 -12.71 -0.60
CA ASP A 118 -16.94 -13.11 -0.48
C ASP A 118 -16.03 -12.01 -0.98
N VAL A 119 -14.95 -11.74 -0.23
CA VAL A 119 -13.98 -10.72 -0.61
C VAL A 119 -13.12 -11.30 -1.73
N LEU A 120 -13.35 -10.84 -2.96
CA LEU A 120 -12.52 -11.28 -4.07
C LEU A 120 -11.08 -10.83 -3.88
N GLN A 121 -10.86 -9.60 -3.41
CA GLN A 121 -9.53 -9.10 -3.15
C GLN A 121 -9.64 -7.85 -2.29
N THR A 122 -8.61 -7.62 -1.48
CA THR A 122 -8.48 -6.42 -0.67
C THR A 122 -7.25 -5.66 -1.12
N LEU A 123 -7.42 -4.38 -1.45
CA LEU A 123 -6.36 -3.57 -2.03
C LEU A 123 -6.11 -2.35 -1.15
N MET A 124 -4.83 -1.99 -1.00
CA MET A 124 -4.46 -0.81 -0.23
C MET A 124 -3.08 -0.35 -0.63
N ASN A 125 -2.87 0.96 -0.59
CA ASN A 125 -1.55 1.56 -0.82
C ASN A 125 -1.54 2.93 -0.13
N ASP A 126 -0.52 3.73 -0.44
CA ASP A 126 -0.32 5.01 0.23
C ASP A 126 -0.93 6.16 -0.59
N PHE A 127 -2.23 6.05 -0.82
CA PHE A 127 -3.02 7.08 -1.51
C PHE A 127 -2.42 7.39 -2.89
N GLN A 128 -2.30 6.35 -3.71
CA GLN A 128 -1.82 6.47 -5.08
C GLN A 128 -2.85 5.87 -6.02
N ILE A 129 -2.58 5.99 -7.32
CA ILE A 129 -3.46 5.41 -8.33
C ILE A 129 -3.59 3.92 -8.07
N LEU A 130 -4.83 3.47 -7.86
CA LEU A 130 -5.09 2.10 -7.42
C LEU A 130 -5.83 1.32 -8.50
N PRO A 131 -5.13 0.56 -9.33
CA PRO A 131 -5.82 -0.32 -10.29
C PRO A 131 -6.39 -1.54 -9.59
N ILE A 132 -7.58 -1.96 -10.04
CA ILE A 132 -8.27 -3.10 -9.45
C ILE A 132 -8.50 -4.16 -10.51
N GLY A 133 -9.10 -5.27 -10.11
CA GLY A 133 -9.56 -6.27 -11.05
C GLY A 133 -8.73 -7.54 -11.05
N GLY A 134 -8.80 -8.24 -12.17
CA GLY A 134 -8.18 -9.55 -12.33
C GLY A 134 -9.14 -10.53 -12.98
N VAL A 135 -8.57 -11.64 -13.42
CA VAL A 135 -9.35 -12.69 -14.07
C VAL A 135 -9.98 -13.57 -13.00
N TYR A 136 -11.31 -13.61 -12.98
CA TYR A 136 -12.06 -14.40 -12.01
C TYR A 136 -13.11 -15.23 -12.71
N GLU A 137 -13.32 -16.44 -12.22
CA GLU A 137 -14.37 -17.32 -12.72
C GLU A 137 -15.65 -17.05 -11.95
N LEU A 138 -16.62 -16.41 -12.61
CA LEU A 138 -17.89 -16.06 -11.99
C LEU A 138 -18.99 -16.96 -12.52
N HIS A 139 -20.10 -16.99 -11.79
CA HIS A 139 -21.28 -17.75 -12.17
C HIS A 139 -22.50 -16.84 -12.12
N ALA A 140 -23.61 -17.34 -12.64
CA ALA A 140 -24.84 -16.55 -12.69
C ALA A 140 -25.38 -16.31 -11.29
N GLY A 141 -25.95 -15.12 -11.08
CA GLY A 141 -26.53 -14.76 -9.81
C GLY A 141 -25.58 -14.13 -8.81
N ASP A 142 -24.36 -13.79 -9.23
CA ASP A 142 -23.37 -13.22 -8.33
C ASP A 142 -23.47 -11.70 -8.36
N ASN A 143 -23.44 -11.09 -7.18
CA ASN A 143 -23.39 -9.64 -7.06
C ASN A 143 -21.95 -9.17 -7.02
N ILE A 144 -21.62 -8.16 -7.82
CA ILE A 144 -20.27 -7.59 -7.87
C ILE A 144 -20.38 -6.11 -7.52
N TYR A 145 -19.65 -5.71 -6.48
CA TYR A 145 -19.68 -4.31 -6.04
C TYR A 145 -18.39 -4.03 -5.27
N LEU A 146 -18.10 -2.74 -5.11
CA LEU A 146 -16.91 -2.29 -4.43
C LEU A 146 -17.26 -1.72 -3.06
N LYS A 147 -16.26 -1.75 -2.17
CA LYS A 147 -16.40 -1.24 -0.82
C LYS A 147 -15.17 -0.41 -0.50
N PHE A 148 -15.38 0.82 -0.06
CA PHE A 148 -14.29 1.74 0.24
C PHE A 148 -14.15 1.93 1.75
N ASN A 149 -12.91 2.14 2.18
CA ASN A 149 -12.65 2.40 3.60
C ASN A 149 -13.33 3.68 4.05
N SER A 150 -13.27 4.73 3.23
CA SER A 150 -13.99 5.97 3.50
C SER A 150 -14.22 6.68 2.17
N LYS A 151 -15.48 7.07 1.92
CA LYS A 151 -15.81 7.68 0.64
C LYS A 151 -15.12 9.02 0.44
N ASP A 152 -14.65 9.65 1.52
CA ASP A 152 -13.92 10.92 1.37
C ASP A 152 -12.61 10.72 0.61
N HIS A 153 -12.00 9.55 0.72
CA HIS A 153 -10.71 9.31 0.11
C HIS A 153 -10.78 9.24 -1.41
N ILE A 154 -11.94 8.95 -1.97
CA ILE A 154 -12.07 8.65 -3.39
C ILE A 154 -12.34 9.92 -4.16
N GLN A 155 -11.56 10.16 -5.22
CA GLN A 155 -11.80 11.26 -6.14
C GLN A 155 -12.74 10.79 -7.24
N LYS A 156 -13.83 11.52 -7.44
CA LYS A 156 -14.85 11.09 -8.39
C LYS A 156 -14.36 11.21 -9.83
N THR A 157 -13.61 12.26 -10.15
CA THR A 157 -13.19 12.50 -11.52
C THR A 157 -12.21 11.43 -11.99
N ASN A 158 -12.53 10.80 -13.12
CA ASN A 158 -11.67 9.80 -13.75
C ASN A 158 -11.45 8.59 -12.84
N THR A 159 -12.47 8.21 -12.09
CA THR A 159 -12.48 6.98 -11.31
C THR A 159 -13.52 6.05 -11.94
N TYR A 160 -13.05 4.91 -12.45
CA TYR A 160 -13.92 4.04 -13.23
C TYR A 160 -13.66 2.58 -12.84
N TRP A 161 -14.64 1.73 -13.17
CA TRP A 161 -14.49 0.29 -13.04
C TRP A 161 -15.58 -0.37 -13.86
N GLY A 162 -15.37 -1.66 -14.16
CA GLY A 162 -16.34 -2.41 -14.92
C GLY A 162 -16.01 -3.88 -15.01
N ILE A 163 -16.48 -4.54 -16.07
CA ILE A 163 -16.23 -5.97 -16.26
C ILE A 163 -16.40 -6.27 -17.74
N ILE A 164 -15.83 -7.38 -18.19
CA ILE A 164 -15.89 -7.76 -19.60
C ILE A 164 -15.90 -9.29 -19.68
N LEU A 165 -16.75 -9.82 -20.57
CA LEU A 165 -16.84 -11.25 -20.75
C LEU A 165 -15.57 -11.76 -21.44
N MET A 166 -15.14 -12.97 -21.05
CA MET A 166 -13.82 -13.46 -21.40
C MET A 166 -13.91 -14.45 -22.54
N PRO A 167 -13.26 -14.20 -23.67
CA PRO A 167 -13.08 -15.26 -24.69
C PRO A 167 -11.89 -16.14 -24.34
N ASP A 168 -11.75 -17.22 -25.11
CA ASP A 168 -10.60 -18.11 -24.96
C ASP A 168 -9.55 -17.81 -26.03
N SER B 51 -11.95 -8.97 -31.65
CA SER B 51 -11.77 -9.46 -30.29
C SER B 51 -10.30 -9.82 -30.03
N CYS B 52 -9.42 -8.85 -30.26
CA CYS B 52 -7.99 -9.05 -30.10
C CYS B 52 -7.65 -9.04 -28.60
N MET B 53 -7.37 -10.22 -28.05
CA MET B 53 -7.03 -10.35 -26.64
C MET B 53 -5.87 -11.32 -26.47
N VAL B 54 -4.90 -10.94 -25.64
CA VAL B 54 -3.74 -11.78 -25.35
C VAL B 54 -3.58 -11.87 -23.84
N LYS B 55 -3.00 -12.98 -23.38
CA LYS B 55 -2.77 -13.23 -21.96
C LYS B 55 -1.44 -13.94 -21.80
N PHE B 56 -0.52 -13.32 -21.06
CA PHE B 56 0.79 -13.89 -20.80
C PHE B 56 0.82 -14.50 -19.41
N GLU B 57 1.29 -15.75 -19.33
CA GLU B 57 1.44 -16.45 -18.05
C GLU B 57 2.93 -16.49 -17.72
N LEU B 58 3.32 -15.78 -16.66
CA LEU B 58 4.73 -15.73 -16.27
C LEU B 58 5.19 -17.02 -15.61
N SER B 59 4.26 -17.88 -15.17
CA SER B 59 4.65 -19.16 -14.59
C SER B 59 5.32 -20.05 -15.63
N SER B 60 4.84 -19.99 -16.87
CA SER B 60 5.40 -20.79 -17.96
C SER B 60 5.99 -19.96 -19.08
N SER B 61 5.95 -18.62 -18.98
CA SER B 61 6.51 -17.73 -19.98
C SER B 61 5.91 -17.96 -21.36
N LYS B 62 4.62 -18.30 -21.40
CA LYS B 62 3.92 -18.55 -22.64
C LYS B 62 2.64 -17.73 -22.70
N TRP B 63 2.23 -17.37 -23.91
CA TRP B 63 1.06 -16.53 -24.13
C TRP B 63 -0.20 -17.37 -24.30
N HIS B 64 -1.34 -16.71 -24.12
CA HIS B 64 -2.66 -17.29 -24.39
C HIS B 64 -3.39 -16.31 -25.30
N MET B 65 -3.45 -16.62 -26.60
CA MET B 65 -4.01 -15.71 -27.60
C MET B 65 -5.31 -16.27 -28.15
N THR B 66 -6.08 -15.39 -28.80
CA THR B 66 -7.33 -15.81 -29.41
C THR B 66 -7.09 -16.49 -30.76
N SER B 67 -6.14 -16.00 -31.53
CA SER B 67 -5.78 -16.55 -32.82
C SER B 67 -4.29 -16.84 -32.84
N PRO B 68 -3.83 -17.70 -33.77
CA PRO B 68 -2.38 -17.95 -33.87
C PRO B 68 -1.55 -16.70 -34.06
N LYS B 69 -2.13 -15.63 -34.63
CA LYS B 69 -1.43 -14.36 -34.71
C LYS B 69 -2.43 -13.22 -34.57
N PRO B 70 -2.39 -12.49 -33.46
CA PRO B 70 -3.33 -11.37 -33.27
C PRO B 70 -3.06 -10.26 -34.27
N HIS B 71 -4.14 -9.69 -34.80
CA HIS B 71 -4.03 -8.62 -35.79
C HIS B 71 -3.67 -7.28 -35.17
N CYS B 72 -3.79 -7.13 -33.85
CA CYS B 72 -3.55 -5.85 -33.20
C CYS B 72 -2.16 -5.75 -32.56
N VAL B 73 -1.56 -6.87 -32.15
CA VAL B 73 -0.26 -6.86 -31.49
C VAL B 73 0.57 -8.03 -31.99
N ASN B 74 1.88 -7.92 -31.77
CA ASN B 74 2.83 -9.00 -32.03
C ASN B 74 3.54 -9.31 -30.72
N THR B 75 3.21 -10.46 -30.13
CA THR B 75 3.72 -10.81 -28.82
C THR B 75 5.13 -11.38 -28.91
N THR B 76 5.91 -11.14 -27.86
CA THR B 76 7.24 -11.69 -27.71
C THR B 76 7.24 -12.72 -26.59
N SER B 77 8.22 -13.62 -26.64
CA SER B 77 8.26 -14.75 -25.71
C SER B 77 8.65 -14.33 -24.29
N ASP B 78 9.26 -13.15 -24.12
CA ASP B 78 9.69 -12.70 -22.82
C ASP B 78 8.60 -11.97 -22.04
N GLY B 79 7.49 -11.66 -22.68
CA GLY B 79 6.39 -10.97 -22.03
C GLY B 79 6.14 -9.54 -22.48
N LYS B 80 6.60 -9.15 -23.66
CA LYS B 80 6.41 -7.80 -24.18
C LYS B 80 5.45 -7.82 -25.37
N LEU B 81 5.00 -6.63 -25.75
CA LEU B 81 4.04 -6.47 -26.83
C LEU B 81 4.42 -5.27 -27.68
N LYS B 82 3.92 -5.26 -28.92
CA LYS B 82 4.10 -4.14 -29.83
C LYS B 82 2.76 -3.86 -30.48
N ILE B 83 2.18 -2.69 -30.20
CA ILE B 83 0.86 -2.35 -30.72
C ILE B 83 0.96 -2.15 -32.23
N LEU B 84 0.13 -2.89 -32.98
CA LEU B 84 0.12 -2.80 -34.43
C LEU B 84 -1.11 -2.10 -34.98
N GLN B 85 -2.07 -1.73 -34.13
CA GLN B 85 -3.31 -1.13 -34.57
C GLN B 85 -3.74 -0.05 -33.58
N SER B 86 -4.01 1.14 -34.09
CA SER B 86 -4.43 2.24 -33.23
C SER B 86 -5.85 2.03 -32.76
N GLY B 87 -6.11 2.46 -31.52
CA GLY B 87 -7.44 2.35 -30.93
C GLY B 87 -7.36 2.40 -29.42
N THR B 88 -8.34 1.77 -28.78
CA THR B 88 -8.39 1.68 -27.33
C THR B 88 -8.10 0.24 -26.91
N TYR B 89 -7.26 0.08 -25.90
CA TYR B 89 -6.91 -1.23 -25.38
C TYR B 89 -7.06 -1.22 -23.86
N LEU B 90 -7.15 -2.42 -23.29
CA LEU B 90 -7.33 -2.60 -21.85
C LEU B 90 -6.15 -3.43 -21.32
N ILE B 91 -5.18 -2.75 -20.73
CA ILE B 91 -4.09 -3.44 -20.04
C ILE B 91 -4.62 -3.98 -18.72
N TYR B 92 -4.22 -5.19 -18.37
CA TYR B 92 -4.67 -5.83 -17.14
C TYR B 92 -3.57 -6.76 -16.66
N GLY B 93 -3.82 -7.40 -15.53
CA GLY B 93 -2.92 -8.40 -14.99
C GLY B 93 -2.75 -8.24 -13.49
N GLN B 94 -2.32 -9.33 -12.85
CA GLN B 94 -2.06 -9.35 -11.41
C GLN B 94 -0.60 -9.75 -11.19
N VAL B 95 0.10 -8.95 -10.39
CA VAL B 95 1.48 -9.25 -10.02
C VAL B 95 1.45 -9.79 -8.59
N ILE B 96 1.75 -11.08 -8.45
CA ILE B 96 1.73 -11.76 -7.15
C ILE B 96 3.12 -11.64 -6.54
N PRO B 97 3.31 -10.89 -5.47
CA PRO B 97 4.62 -10.80 -4.84
C PRO B 97 4.90 -11.99 -3.94
N VAL B 98 6.19 -12.30 -3.79
CA VAL B 98 6.60 -13.35 -2.87
C VAL B 98 6.30 -12.90 -1.44
N ASP B 99 6.07 -13.89 -0.56
CA ASP B 99 5.73 -13.60 0.83
C ASP B 99 6.76 -12.67 1.46
N LYS B 100 6.27 -11.74 2.28
CA LYS B 100 7.12 -10.67 2.80
C LYS B 100 8.25 -11.21 3.68
N LYS B 101 8.09 -12.39 4.26
CA LYS B 101 9.14 -12.98 5.07
C LYS B 101 10.25 -13.62 4.23
N TYR B 102 10.03 -13.83 2.94
CA TYR B 102 11.05 -14.36 2.04
C TYR B 102 11.95 -13.28 1.46
N ILE B 103 11.73 -12.01 1.83
CA ILE B 103 12.51 -10.92 1.27
C ILE B 103 13.80 -10.78 2.07
N LYS B 104 14.94 -10.85 1.38
CA LYS B 104 16.24 -10.58 1.98
C LYS B 104 16.76 -9.20 1.61
N ASP B 105 16.69 -8.85 0.32
CA ASP B 105 17.01 -7.50 -0.12
C ASP B 105 15.79 -6.63 0.11
N ASN B 106 15.80 -5.87 1.22
CA ASN B 106 14.63 -5.06 1.60
C ASN B 106 14.52 -3.88 0.63
N ALA B 107 13.93 -4.17 -0.53
CA ALA B 107 13.61 -3.32 -1.65
C ALA B 107 12.11 -3.06 -1.72
N PRO B 108 11.68 -1.86 -2.09
CA PRO B 108 10.26 -1.62 -2.29
C PRO B 108 9.73 -2.48 -3.43
N PHE B 109 8.46 -2.86 -3.31
CA PHE B 109 7.79 -3.67 -4.32
C PHE B 109 7.12 -2.73 -5.32
N VAL B 110 7.94 -2.21 -6.24
CA VAL B 110 7.49 -1.24 -7.22
C VAL B 110 7.39 -1.93 -8.57
N VAL B 111 6.22 -1.84 -9.19
CA VAL B 111 5.97 -2.38 -10.52
C VAL B 111 5.56 -1.23 -11.42
N GLN B 112 6.13 -1.18 -12.63
CA GLN B 112 5.86 -0.10 -13.56
C GLN B 112 5.55 -0.67 -14.94
N ILE B 113 4.53 -0.10 -15.58
CA ILE B 113 4.19 -0.40 -16.96
C ILE B 113 4.76 0.70 -17.83
N TYR B 114 5.42 0.32 -18.93
CA TYR B 114 6.11 1.26 -19.79
C TYR B 114 5.53 1.25 -21.18
N LYS B 115 5.36 2.44 -21.75
CA LYS B 115 5.18 2.61 -23.18
C LYS B 115 6.57 2.69 -23.82
N LYS B 116 6.65 3.17 -25.06
CA LYS B 116 7.94 3.31 -25.75
C LYS B 116 9.02 3.89 -24.84
N ASN B 117 8.81 5.11 -24.35
CA ASN B 117 9.72 5.71 -23.39
C ASN B 117 9.00 6.45 -22.26
N ASP B 118 7.68 6.50 -22.26
CA ASP B 118 6.91 7.23 -21.24
C ASP B 118 6.46 6.26 -20.16
N VAL B 119 6.68 6.64 -18.90
CA VAL B 119 6.25 5.83 -17.77
C VAL B 119 4.73 5.91 -17.69
N LEU B 120 4.05 4.78 -17.95
CA LEU B 120 2.60 4.79 -18.02
C LEU B 120 1.97 4.88 -16.64
N GLN B 121 2.44 4.06 -15.71
CA GLN B 121 1.95 4.12 -14.33
C GLN B 121 2.99 3.49 -13.41
N THR B 122 2.99 3.95 -12.16
CA THR B 122 3.89 3.44 -11.13
C THR B 122 3.05 2.85 -10.01
N LEU B 123 3.30 1.58 -9.69
CA LEU B 123 2.51 0.86 -8.70
C LEU B 123 3.43 0.30 -7.63
N MET B 124 3.03 0.47 -6.37
CA MET B 124 3.82 -0.03 -5.25
C MET B 124 2.92 -0.24 -4.05
N ASN B 125 3.21 -1.29 -3.28
CA ASN B 125 2.53 -1.55 -2.01
C ASN B 125 3.43 -2.47 -1.19
N ASP B 126 2.98 -2.76 0.04
CA ASP B 126 3.79 -3.52 0.99
C ASP B 126 3.62 -5.03 0.76
N PHE B 127 4.00 -5.46 -0.45
CA PHE B 127 4.07 -6.87 -0.83
C PHE B 127 2.70 -7.54 -0.67
N GLN B 128 1.74 -7.04 -1.44
CA GLN B 128 0.40 -7.60 -1.50
C GLN B 128 0.00 -7.79 -2.96
N ILE B 129 -1.16 -8.42 -3.17
CA ILE B 129 -1.69 -8.66 -4.50
C ILE B 129 -1.76 -7.34 -5.26
N LEU B 130 -1.08 -7.27 -6.39
CA LEU B 130 -0.87 -6.01 -7.12
C LEU B 130 -1.46 -6.13 -8.52
N PRO B 131 -2.73 -5.76 -8.69
CA PRO B 131 -3.29 -5.68 -10.05
C PRO B 131 -2.74 -4.47 -10.80
N ILE B 132 -2.57 -4.65 -12.10
CA ILE B 132 -1.99 -3.60 -12.94
C ILE B 132 -2.95 -3.23 -14.06
N GLY B 133 -2.56 -2.28 -14.89
CA GLY B 133 -3.27 -1.98 -16.11
C GLY B 133 -4.23 -0.82 -16.01
N GLY B 134 -5.21 -0.83 -16.91
CA GLY B 134 -6.19 0.23 -17.03
C GLY B 134 -6.53 0.54 -18.47
N VAL B 135 -7.48 1.46 -18.68
CA VAL B 135 -7.87 1.84 -20.04
C VAL B 135 -6.91 2.90 -20.55
N TYR B 136 -6.30 2.66 -21.70
CA TYR B 136 -5.34 3.60 -22.27
C TYR B 136 -5.45 3.59 -23.79
N GLU B 137 -5.53 4.78 -24.38
CA GLU B 137 -5.51 4.90 -25.83
C GLU B 137 -4.10 4.64 -26.35
N LEU B 138 -3.98 3.78 -27.35
CA LEU B 138 -2.69 3.37 -27.88
C LEU B 138 -2.64 3.60 -29.39
N HIS B 139 -1.43 3.84 -29.89
CA HIS B 139 -1.17 4.00 -31.31
C HIS B 139 -0.34 2.84 -31.82
N ALA B 140 -0.31 2.71 -33.15
CA ALA B 140 0.45 1.63 -33.77
C ALA B 140 1.94 1.85 -33.57
N GLY B 141 2.65 0.79 -33.18
CA GLY B 141 4.08 0.85 -32.95
C GLY B 141 4.50 1.02 -31.51
N ASP B 142 3.55 1.23 -30.61
CA ASP B 142 3.89 1.42 -29.20
C ASP B 142 4.34 0.11 -28.57
N ASN B 143 5.43 0.18 -27.80
CA ASN B 143 5.96 -0.98 -27.12
C ASN B 143 5.43 -1.03 -25.69
N ILE B 144 4.87 -2.18 -25.31
CA ILE B 144 4.29 -2.38 -23.98
C ILE B 144 5.10 -3.43 -23.26
N TYR B 145 5.69 -3.06 -22.12
CA TYR B 145 6.53 -3.96 -21.36
C TYR B 145 6.57 -3.51 -19.90
N LEU B 146 6.83 -4.47 -19.01
CA LEU B 146 6.88 -4.20 -17.59
C LEU B 146 8.33 -4.10 -17.12
N LYS B 147 8.54 -3.29 -16.09
CA LYS B 147 9.83 -3.17 -15.43
C LYS B 147 9.59 -3.25 -13.93
N PHE B 148 10.42 -4.02 -13.23
CA PHE B 148 10.23 -4.28 -11.81
C PHE B 148 11.40 -3.73 -11.00
N ASN B 149 11.18 -3.62 -9.69
CA ASN B 149 12.20 -3.09 -8.78
C ASN B 149 13.22 -4.15 -8.38
N SER B 150 12.82 -5.41 -8.30
CA SER B 150 13.77 -6.49 -8.04
C SER B 150 13.09 -7.80 -8.43
N LYS B 151 13.76 -8.58 -9.28
CA LYS B 151 13.15 -9.80 -9.80
C LYS B 151 12.87 -10.81 -8.70
N ASP B 152 13.51 -10.68 -7.54
CA ASP B 152 13.29 -11.60 -6.43
C ASP B 152 11.90 -11.48 -5.81
N HIS B 153 11.16 -10.42 -6.13
CA HIS B 153 9.85 -10.19 -5.53
C HIS B 153 8.72 -10.85 -6.30
N ILE B 154 8.88 -11.00 -7.62
CA ILE B 154 7.79 -11.50 -8.46
C ILE B 154 7.71 -13.00 -8.33
N GLN B 155 6.55 -13.51 -7.91
CA GLN B 155 6.31 -14.94 -7.84
C GLN B 155 5.76 -15.44 -9.17
N LYS B 156 6.18 -16.65 -9.55
CA LYS B 156 5.80 -17.17 -10.86
C LYS B 156 4.35 -17.63 -10.86
N THR B 157 3.89 -18.22 -9.76
CA THR B 157 2.53 -18.73 -9.69
C THR B 157 1.53 -17.57 -9.64
N ASN B 158 0.41 -17.75 -10.32
CA ASN B 158 -0.72 -16.82 -10.34
C ASN B 158 -0.36 -15.44 -10.89
N THR B 159 0.79 -15.31 -11.55
CA THR B 159 1.21 -14.04 -12.14
C THR B 159 0.88 -14.05 -13.62
N TYR B 160 0.15 -13.03 -14.08
CA TYR B 160 -0.28 -12.96 -15.47
C TYR B 160 -0.55 -11.50 -15.82
N TRP B 161 -0.52 -11.21 -17.12
CA TRP B 161 -0.90 -9.90 -17.62
C TRP B 161 -1.09 -9.99 -19.13
N GLY B 162 -1.92 -9.10 -19.65
CA GLY B 162 -2.16 -9.05 -21.08
C GLY B 162 -2.94 -7.79 -21.43
N ILE B 163 -3.46 -7.77 -22.66
CA ILE B 163 -4.29 -6.67 -23.13
C ILE B 163 -5.49 -7.24 -23.89
N ILE B 164 -6.49 -6.39 -24.11
CA ILE B 164 -7.66 -6.71 -24.91
C ILE B 164 -7.97 -5.51 -25.80
N LEU B 165 -8.29 -5.77 -27.05
CA LEU B 165 -8.76 -4.69 -27.91
C LEU B 165 -10.13 -4.23 -27.43
N MET B 166 -10.28 -2.92 -27.22
CA MET B 166 -11.49 -2.37 -26.63
C MET B 166 -12.51 -2.07 -27.71
N PRO B 167 -13.73 -2.61 -27.63
CA PRO B 167 -14.82 -2.12 -28.48
C PRO B 167 -15.24 -0.74 -28.02
N ASP B 168 -16.01 -0.06 -28.86
CA ASP B 168 -16.64 1.18 -28.44
C ASP B 168 -17.87 0.87 -27.61
N LEU B 169 -18.11 1.68 -26.59
CA LEU B 169 -19.21 1.45 -25.67
C LEU B 169 -20.25 2.55 -25.86
N PRO B 170 -21.05 2.49 -26.93
CA PRO B 170 -21.94 3.62 -27.24
C PRO B 170 -23.05 3.80 -26.22
N PHE B 171 -23.84 2.75 -26.01
CA PHE B 171 -25.05 2.86 -25.19
C PHE B 171 -24.71 3.08 -23.73
N ILE B 172 -25.18 4.19 -23.17
CA ILE B 172 -24.98 4.52 -21.76
C ILE B 172 -26.33 4.47 -21.05
N SER B 173 -26.30 3.99 -19.81
CA SER B 173 -27.52 3.88 -19.01
C SER B 173 -27.81 5.19 -18.28
N PRO C 27 -9.07 -14.00 16.53
CA PRO C 27 -7.93 -13.48 17.31
C PRO C 27 -8.17 -12.06 17.81
N GLY C 28 -9.42 -11.76 18.17
CA GLY C 28 -9.85 -10.43 18.54
C GLY C 28 -9.41 -9.95 19.90
N CYS C 29 -8.72 -10.79 20.68
CA CYS C 29 -8.21 -10.38 21.98
C CYS C 29 -6.73 -10.68 22.11
N GLY C 30 -6.06 -11.05 21.02
CA GLY C 30 -4.67 -11.38 21.08
C GLY C 30 -3.75 -10.37 20.42
N PRO C 31 -3.09 -9.55 21.23
CA PRO C 31 -1.79 -9.00 20.85
C PRO C 31 -0.65 -9.94 21.16
N GLY C 32 -0.89 -10.94 22.01
CA GLY C 32 -0.01 -12.06 22.23
C GLY C 32 -0.78 -13.35 22.46
N LYS C 33 -2.04 -13.39 22.03
CA LYS C 33 -2.92 -14.51 22.30
C LYS C 33 -3.91 -14.67 21.15
N VAL C 34 -5.01 -15.38 21.42
CA VAL C 34 -6.07 -15.63 20.44
C VAL C 34 -7.33 -14.94 20.97
N GLN C 35 -8.45 -15.09 20.25
CA GLN C 35 -9.74 -14.68 20.77
C GLN C 35 -10.30 -15.81 21.64
N ASN C 36 -10.46 -15.56 22.94
CA ASN C 36 -10.96 -16.55 23.89
C ASN C 36 -12.27 -16.03 24.47
N GLY C 37 -13.37 -16.24 23.75
CA GLY C 37 -14.64 -15.61 24.05
C GLY C 37 -15.00 -15.54 25.52
N SER C 38 -15.16 -14.32 26.04
CA SER C 38 -15.41 -14.10 27.46
C SER C 38 -16.87 -14.36 27.80
N GLY C 39 -17.29 -15.61 27.55
CA GLY C 39 -18.58 -16.11 28.03
C GLY C 39 -18.51 -16.40 29.50
N ASN C 40 -17.49 -15.80 30.12
CA ASN C 40 -17.26 -15.74 31.55
C ASN C 40 -16.11 -14.75 31.66
N ASN C 41 -16.02 -13.99 32.75
CA ASN C 41 -15.05 -12.91 32.75
C ASN C 41 -13.63 -13.47 32.81
N THR C 42 -13.00 -13.67 31.65
CA THR C 42 -11.54 -13.80 31.71
C THR C 42 -10.85 -12.65 31.00
N ARG C 43 -10.77 -12.67 29.66
CA ARG C 43 -10.36 -11.48 28.88
C ARG C 43 -10.76 -11.78 27.41
N CYS C 44 -11.96 -11.34 27.00
CA CYS C 44 -12.28 -11.33 25.57
C CYS C 44 -13.66 -10.81 25.19
N CYS C 45 -14.01 -11.06 23.92
CA CYS C 45 -15.35 -10.82 23.37
C CYS C 45 -16.43 -11.31 24.31
N SER C 46 -17.55 -10.58 24.32
CA SER C 46 -18.72 -10.95 25.10
C SER C 46 -19.94 -10.27 24.48
N LEU C 47 -21.10 -10.91 24.60
CA LEU C 47 -22.29 -10.31 24.03
C LEU C 47 -22.83 -9.23 24.96
N TYR C 48 -23.66 -8.35 24.40
CA TYR C 48 -24.14 -7.19 25.11
C TYR C 48 -25.65 -7.29 25.38
N PRO C 56 -22.37 -3.50 21.14
CA PRO C 56 -23.05 -4.22 20.06
C PRO C 56 -23.37 -5.66 20.44
N LYS C 57 -24.24 -6.32 19.65
CA LYS C 57 -24.73 -7.65 19.96
C LYS C 57 -23.62 -8.60 20.43
N GLU C 58 -22.63 -8.83 19.58
CA GLU C 58 -21.35 -9.39 19.99
C GLU C 58 -20.35 -8.25 20.06
N ARG C 59 -19.47 -8.30 21.06
CA ARG C 59 -18.64 -7.14 21.37
C ARG C 59 -17.27 -7.61 21.85
N CYS C 60 -16.26 -7.41 21.01
CA CYS C 60 -14.89 -7.77 21.32
C CYS C 60 -14.11 -6.54 21.76
N ILE C 61 -13.28 -6.71 22.80
CA ILE C 61 -12.41 -5.66 23.32
C ILE C 61 -10.98 -6.14 23.20
N CYS C 62 -10.13 -5.28 22.64
CA CYS C 62 -8.69 -5.56 22.61
C CYS C 62 -8.12 -5.34 24.00
N VAL C 63 -7.64 -6.42 24.63
CA VAL C 63 -7.41 -6.44 26.06
C VAL C 63 -6.08 -5.85 26.50
N THR C 64 -5.16 -5.58 25.57
CA THR C 64 -3.90 -5.11 26.13
C THR C 64 -3.79 -3.60 26.04
N PRO C 65 -3.24 -2.95 27.06
CA PRO C 65 -3.07 -1.48 27.01
C PRO C 65 -2.36 -1.04 25.75
N GLU C 66 -2.76 0.14 25.26
CA GLU C 66 -2.29 0.78 24.04
C GLU C 66 -2.72 0.03 22.78
N TYR C 67 -3.46 -1.08 22.92
CA TYR C 67 -3.94 -1.87 21.79
C TYR C 67 -5.46 -1.82 21.73
N HIS C 68 -6.00 -1.33 20.62
CA HIS C 68 -7.43 -1.41 20.35
C HIS C 68 -7.66 -2.06 19.00
N CYS C 69 -8.88 -2.57 18.82
CA CYS C 69 -9.21 -3.33 17.62
C CYS C 69 -9.04 -2.50 16.36
N GLY C 70 -8.56 -3.13 15.29
CA GLY C 70 -8.41 -2.48 14.02
C GLY C 70 -9.28 -3.09 12.93
N ASP C 71 -10.53 -3.39 13.29
CA ASP C 71 -11.45 -4.05 12.38
C ASP C 71 -12.87 -3.84 12.87
N PRO C 72 -13.86 -3.78 11.97
CA PRO C 72 -15.25 -3.84 12.42
C PRO C 72 -15.64 -5.19 13.00
N GLN C 73 -14.79 -6.20 12.85
CA GLN C 73 -15.00 -7.52 13.45
C GLN C 73 -13.89 -7.89 14.43
N CYS C 74 -13.00 -6.95 14.76
CA CYS C 74 -11.87 -7.19 15.66
C CYS C 74 -10.99 -8.33 15.17
N LYS C 75 -10.84 -8.49 13.86
CA LYS C 75 -10.06 -9.62 13.35
C LYS C 75 -8.59 -9.49 13.73
N ILE C 76 -8.11 -8.27 13.93
CA ILE C 76 -6.71 -8.03 14.27
C ILE C 76 -6.66 -6.87 15.25
N CYS C 77 -5.62 -6.86 16.10
CA CYS C 77 -5.44 -5.86 17.13
C CYS C 77 -4.22 -5.02 16.82
N LYS C 78 -4.42 -3.71 16.59
CA LYS C 78 -3.36 -2.77 16.33
C LYS C 78 -2.97 -2.03 17.60
N HIS C 79 -1.90 -1.26 17.53
CA HIS C 79 -1.30 -0.58 18.67
C HIS C 79 -1.44 0.92 18.49
N TYR C 80 -1.94 1.60 19.54
CA TYR C 80 -2.11 3.05 19.50
C TYR C 80 -2.06 3.64 20.91
N PRO C 81 -1.00 4.40 21.26
CA PRO C 81 -0.82 4.84 22.65
C PRO C 81 -1.90 5.78 23.20
N CYS C 82 -2.11 6.94 22.60
CA CYS C 82 -3.13 7.90 23.04
C CYS C 82 -2.97 8.24 24.52
N GLN C 83 -1.93 9.05 24.79
CA GLN C 83 -1.50 9.49 26.12
C GLN C 83 -2.67 9.87 27.03
N PRO C 84 -2.52 9.72 28.35
CA PRO C 84 -3.67 9.84 29.25
C PRO C 84 -4.42 11.16 29.09
N GLY C 85 -5.75 11.07 29.14
CA GLY C 85 -6.62 12.22 28.99
C GLY C 85 -7.44 12.21 27.72
N GLN C 86 -7.15 11.31 26.79
CA GLN C 86 -7.86 11.25 25.52
C GLN C 86 -8.14 9.80 25.16
N ARG C 87 -9.19 9.60 24.36
CA ARG C 87 -9.60 8.28 23.91
C ARG C 87 -9.26 8.09 22.44
N VAL C 88 -9.34 6.83 22.01
CA VAL C 88 -9.02 6.47 20.63
C VAL C 88 -10.28 6.55 19.79
N GLU C 89 -10.19 7.27 18.67
CA GLU C 89 -11.27 7.37 17.70
C GLU C 89 -10.96 6.49 16.50
N SER C 90 -11.90 5.62 16.15
CA SER C 90 -11.75 4.77 14.98
C SER C 90 -12.39 5.44 13.77
N GLN C 91 -11.68 5.41 12.64
CA GLN C 91 -12.09 6.14 11.44
C GLN C 91 -12.02 5.25 10.20
N GLY C 92 -12.42 4.00 10.32
CA GLY C 92 -12.37 3.08 9.19
C GLY C 92 -13.62 2.25 9.09
N ASP C 93 -13.92 1.84 7.86
CA ASP C 93 -15.01 0.89 7.60
C ASP C 93 -14.53 -0.47 7.17
N ILE C 94 -13.28 -0.59 6.70
CA ILE C 94 -12.69 -1.88 6.37
C ILE C 94 -11.50 -2.12 7.29
N VAL C 95 -10.52 -1.23 7.24
CA VAL C 95 -9.36 -1.25 8.12
C VAL C 95 -9.34 0.06 8.90
N PHE C 96 -9.16 -0.04 10.21
CA PHE C 96 -9.36 1.10 11.09
C PHE C 96 -8.16 2.04 11.10
N GLY C 97 -8.44 3.34 11.07
CA GLY C 97 -7.46 4.36 11.39
C GLY C 97 -7.76 4.91 12.77
N PHE C 98 -6.77 5.50 13.44
CA PHE C 98 -6.91 5.84 14.84
C PHE C 98 -6.53 7.30 15.10
N ARG C 99 -7.25 7.91 16.03
CA ARG C 99 -7.01 9.28 16.50
C ARG C 99 -6.92 9.28 18.01
N CYS C 100 -6.58 10.43 18.58
CA CYS C 100 -6.59 10.63 20.04
C CYS C 100 -7.43 11.87 20.33
N VAL C 101 -8.68 11.67 20.75
CA VAL C 101 -9.61 12.74 21.07
C VAL C 101 -9.85 12.74 22.56
N ALA C 102 -9.89 13.93 23.16
CA ALA C 102 -10.00 14.05 24.61
C ALA C 102 -11.29 13.42 25.12
N CYS C 103 -11.24 12.98 26.38
CA CYS C 103 -12.42 12.39 27.00
C CYS C 103 -13.50 13.46 27.19
N ALA C 104 -14.75 13.06 27.00
CA ALA C 104 -15.87 13.97 27.18
C ALA C 104 -16.06 14.30 28.66
N MET C 105 -16.90 15.30 28.91
CA MET C 105 -17.20 15.68 30.29
C MET C 105 -17.88 14.54 31.03
N GLY C 106 -17.31 14.15 32.16
CA GLY C 106 -17.81 13.04 32.94
C GLY C 106 -17.05 11.74 32.75
N THR C 107 -15.97 11.75 31.98
CA THR C 107 -15.16 10.57 31.76
C THR C 107 -13.71 10.89 32.11
N PHE C 108 -12.92 9.83 32.32
CA PHE C 108 -11.52 10.00 32.72
C PHE C 108 -10.69 8.87 32.14
N SER C 109 -9.38 9.11 32.07
CA SER C 109 -8.42 8.11 31.63
C SER C 109 -7.07 8.48 32.20
N ALA C 110 -6.53 7.63 33.07
CA ALA C 110 -5.27 7.92 33.76
C ALA C 110 -4.06 7.25 33.13
N GLY C 111 -4.27 6.37 32.15
CA GLY C 111 -3.16 5.68 31.52
C GLY C 111 -3.16 5.81 30.01
N ARG C 112 -2.25 5.09 29.36
CA ARG C 112 -2.13 5.10 27.90
C ARG C 112 -3.01 4.05 27.24
N ASP C 113 -4.11 3.64 27.89
CA ASP C 113 -5.00 2.67 27.28
C ASP C 113 -5.68 3.24 26.04
N GLY C 114 -6.43 4.33 26.21
CA GLY C 114 -7.11 4.97 25.11
C GLY C 114 -8.62 4.82 25.11
N HIS C 115 -9.22 4.34 26.20
CA HIS C 115 -10.67 4.28 26.35
C HIS C 115 -11.02 4.92 27.69
N CYS C 116 -11.89 5.92 27.66
CA CYS C 116 -12.26 6.64 28.88
C CYS C 116 -13.39 5.92 29.60
N ARG C 117 -13.30 5.90 30.93
CA ARG C 117 -14.31 5.32 31.79
C ARG C 117 -15.05 6.41 32.54
N LEU C 118 -16.25 6.08 33.01
CA LEU C 118 -17.06 7.05 33.72
C LEU C 118 -16.51 7.29 35.13
N TRP C 119 -16.80 8.47 35.67
CA TRP C 119 -16.42 8.78 37.03
C TRP C 119 -17.19 7.91 38.01
N THR C 120 -16.52 7.50 39.09
CA THR C 120 -17.18 6.75 40.14
C THR C 120 -18.18 7.65 40.85
N ASN C 121 -19.46 7.25 40.82
CA ASN C 121 -20.52 8.04 41.44
C ASN C 121 -20.51 7.77 42.94
N CYS C 122 -20.04 8.77 43.71
CA CYS C 122 -19.94 8.57 45.15
C CYS C 122 -21.31 8.50 45.80
N SER C 123 -22.28 9.27 45.30
CA SER C 123 -23.60 9.32 45.92
C SER C 123 -24.34 8.01 45.81
N GLN C 124 -24.01 7.15 44.84
CA GLN C 124 -24.67 5.87 44.71
C GLN C 124 -24.40 4.98 45.92
N PHE C 125 -23.17 4.98 46.41
CA PHE C 125 -22.77 4.16 47.54
C PHE C 125 -22.93 4.86 48.88
N GLY C 126 -23.51 6.06 48.89
CA GLY C 126 -23.62 6.83 50.11
C GLY C 126 -22.37 7.58 50.49
N PHE C 127 -21.45 7.76 49.55
CA PHE C 127 -20.19 8.46 49.80
C PHE C 127 -20.29 9.90 49.33
N LEU C 128 -19.25 10.67 49.67
CA LEU C 128 -19.19 12.09 49.34
C LEU C 128 -17.96 12.36 48.47
N THR C 129 -18.10 13.31 47.55
CA THR C 129 -17.01 13.68 46.65
C THR C 129 -16.03 14.58 47.39
N MET C 130 -14.90 14.01 47.81
CA MET C 130 -13.78 14.83 48.25
C MET C 130 -13.15 15.56 47.06
N PHE C 131 -13.17 14.93 45.89
CA PHE C 131 -12.65 15.50 44.65
C PHE C 131 -13.50 15.00 43.50
N PRO C 132 -14.15 15.90 42.74
CA PRO C 132 -15.11 15.43 41.72
C PRO C 132 -14.45 14.71 40.56
N GLY C 133 -13.23 15.07 40.18
CA GLY C 133 -12.53 14.35 39.13
C GLY C 133 -12.35 15.21 37.89
N ASN C 134 -11.24 14.98 37.19
CA ASN C 134 -10.94 15.66 35.94
C ASN C 134 -10.74 14.62 34.84
N LYS C 135 -10.32 15.09 33.66
CA LYS C 135 -10.21 14.21 32.50
C LYS C 135 -9.03 13.24 32.58
N THR C 136 -8.20 13.31 33.62
CA THR C 136 -7.07 12.40 33.77
C THR C 136 -7.06 11.66 35.10
N HIS C 137 -7.97 11.96 36.02
CA HIS C 137 -8.01 11.31 37.32
C HIS C 137 -9.47 11.04 37.68
N ASN C 138 -9.68 9.96 38.43
CA ASN C 138 -11.02 9.56 38.86
C ASN C 138 -11.47 10.40 40.06
N ALA C 139 -12.75 10.25 40.41
CA ALA C 139 -13.29 10.93 41.57
C ALA C 139 -12.78 10.29 42.86
N VAL C 140 -12.77 11.09 43.93
CA VAL C 140 -12.32 10.64 45.24
C VAL C 140 -13.55 10.63 46.16
N CYS C 141 -14.00 9.42 46.53
CA CYS C 141 -15.14 9.26 47.41
C CYS C 141 -14.68 9.11 48.85
N ILE C 142 -15.35 9.81 49.75
CA ILE C 142 -15.08 9.70 51.19
C ILE C 142 -16.41 9.41 51.88
N PRO C 143 -16.43 8.59 52.92
CA PRO C 143 -17.68 8.24 53.59
C PRO C 143 -18.18 9.40 54.43
N GLU C 144 -19.36 9.20 55.02
CA GLU C 144 -19.95 10.19 55.91
C GLU C 144 -19.34 10.07 57.30
N PRO C 145 -18.63 11.08 57.80
CA PRO C 145 -18.01 11.07 59.13
C PRO C 145 -19.02 11.25 60.26
N CYS D 29 20.78 16.40 -7.66
CA CYS D 29 21.64 16.85 -6.56
C CYS D 29 20.86 17.81 -5.67
N GLY D 30 19.54 17.82 -5.84
CA GLY D 30 18.72 18.72 -5.07
C GLY D 30 17.86 18.06 -4.02
N PRO D 31 18.30 18.14 -2.75
CA PRO D 31 17.36 18.10 -1.62
C PRO D 31 16.77 19.46 -1.30
N GLY D 32 17.41 20.53 -1.78
CA GLY D 32 16.89 21.88 -1.77
C GLY D 32 17.25 22.64 -3.03
N LYS D 33 17.64 21.92 -4.08
CA LYS D 33 18.16 22.54 -5.30
C LYS D 33 17.77 21.68 -6.50
N VAL D 34 18.47 21.87 -7.62
CA VAL D 34 18.24 21.15 -8.86
C VAL D 34 19.50 20.34 -9.14
N GLN D 35 19.54 19.63 -10.27
CA GLN D 35 20.76 19.00 -10.74
C GLN D 35 21.57 20.05 -11.53
N ASN D 36 22.75 20.38 -11.03
CA ASN D 36 23.61 21.39 -11.67
C ASN D 36 24.92 20.71 -12.07
N GLY D 37 24.90 20.03 -13.22
CA GLY D 37 25.98 19.16 -13.66
C GLY D 37 27.41 19.59 -13.39
N ARG D 43 28.83 21.17 -7.11
CA ARG D 43 28.17 20.07 -6.41
C ARG D 43 27.11 19.38 -7.25
N CYS D 44 27.49 18.45 -8.12
CA CYS D 44 26.49 17.63 -8.82
C CYS D 44 27.15 16.50 -9.61
N CYS D 45 26.32 15.88 -10.46
CA CYS D 45 26.71 14.83 -11.40
C CYS D 45 28.00 15.18 -12.13
N SER D 46 28.78 14.15 -12.45
CA SER D 46 29.99 14.31 -13.26
C SER D 46 30.32 13.00 -13.95
N CYS D 60 25.93 10.75 -10.83
CA CYS D 60 25.33 11.71 -9.93
C CYS D 60 25.48 11.34 -8.47
N ILE D 61 25.82 12.32 -7.64
CA ILE D 61 25.95 12.14 -6.19
C ILE D 61 24.96 13.07 -5.51
N CYS D 62 24.18 12.53 -4.57
CA CYS D 62 23.31 13.35 -3.75
C CYS D 62 24.17 14.08 -2.72
N VAL D 63 24.22 15.41 -2.81
CA VAL D 63 25.26 16.20 -2.17
C VAL D 63 24.97 16.54 -0.71
N THR D 64 23.78 16.29 -0.21
CA THR D 64 23.59 16.74 1.16
C THR D 64 23.71 15.58 2.14
N PRO D 65 24.35 15.80 3.29
CA PRO D 65 24.48 14.73 4.29
C PRO D 65 23.14 14.09 4.62
N GLU D 66 23.18 12.77 4.87
CA GLU D 66 22.04 11.90 5.16
C GLU D 66 21.15 11.69 3.94
N TYR D 67 21.45 12.30 2.81
CA TYR D 67 20.67 12.15 1.58
C TYR D 67 21.50 11.42 0.53
N HIS D 68 20.98 10.28 0.05
CA HIS D 68 21.55 9.59 -1.10
C HIS D 68 20.47 9.37 -2.14
N CYS D 69 20.90 9.15 -3.38
CA CYS D 69 19.96 9.02 -4.48
C CYS D 69 19.01 7.84 -4.27
N GLY D 70 17.78 8.01 -4.73
CA GLY D 70 16.77 6.96 -4.68
C GLY D 70 16.30 6.55 -6.05
N ASP D 71 17.22 6.45 -7.01
CA ASP D 71 16.88 6.11 -8.38
C ASP D 71 18.12 5.58 -9.07
N PRO D 72 17.96 4.68 -10.05
CA PRO D 72 19.10 4.33 -10.91
C PRO D 72 19.52 5.47 -11.82
N GLN D 73 18.76 6.55 -11.89
CA GLN D 73 19.12 7.75 -12.63
C GLN D 73 19.19 8.98 -11.74
N CYS D 74 19.14 8.81 -10.42
CA CYS D 74 19.20 9.92 -9.46
C CYS D 74 18.12 10.97 -9.72
N LYS D 75 16.95 10.52 -10.16
CA LYS D 75 15.86 11.46 -10.46
C LYS D 75 15.36 12.17 -9.21
N ILE D 76 15.50 11.55 -8.04
CA ILE D 76 15.04 12.12 -6.78
C ILE D 76 16.01 11.73 -5.68
N CYS D 77 16.11 12.58 -4.66
CA CYS D 77 17.02 12.40 -3.54
C CYS D 77 16.22 12.14 -2.27
N LYS D 78 16.33 10.94 -1.72
CA LYS D 78 15.69 10.59 -0.46
C LYS D 78 16.66 10.77 0.69
N HIS D 79 16.17 10.55 1.91
CA HIS D 79 16.88 10.83 3.15
C HIS D 79 17.10 9.53 3.91
N TYR D 80 18.35 9.31 4.37
CA TYR D 80 18.68 8.12 5.15
C TYR D 80 19.91 8.36 6.02
N PRO D 81 19.75 8.38 7.35
CA PRO D 81 20.87 8.77 8.24
C PRO D 81 22.08 7.85 8.24
N CYS D 82 21.91 6.58 8.59
CA CYS D 82 23.04 5.64 8.64
C CYS D 82 24.18 6.10 9.54
N GLN D 83 24.00 5.96 10.86
CA GLN D 83 24.90 6.34 11.93
C GLN D 83 26.37 6.12 11.57
N PRO D 84 27.27 7.00 12.03
CA PRO D 84 28.70 6.87 11.66
C PRO D 84 29.25 5.48 11.92
N GLY D 85 30.05 5.00 10.97
CA GLY D 85 30.52 3.64 10.99
C GLY D 85 29.74 2.70 10.10
N GLN D 86 28.53 3.09 9.70
CA GLN D 86 27.70 2.32 8.80
C GLN D 86 27.80 2.89 7.38
N ARG D 87 27.07 2.27 6.47
CA ARG D 87 27.11 2.66 5.06
C ARG D 87 25.77 2.32 4.42
N VAL D 88 25.37 3.14 3.45
CA VAL D 88 24.06 3.00 2.82
C VAL D 88 24.16 2.01 1.66
N GLU D 89 23.34 0.95 1.74
CA GLU D 89 23.24 -0.04 0.67
C GLU D 89 21.94 0.20 -0.10
N SER D 90 22.07 0.34 -1.42
CA SER D 90 20.92 0.48 -2.29
C SER D 90 20.45 -0.88 -2.78
N GLN D 91 19.15 -1.09 -2.78
CA GLN D 91 18.60 -2.39 -3.14
C GLN D 91 17.46 -2.31 -4.15
N GLY D 92 17.36 -1.25 -4.93
CA GLY D 92 16.28 -1.09 -5.88
C GLY D 92 16.80 -1.09 -7.30
N ASP D 93 15.95 -1.53 -8.23
CA ASP D 93 16.20 -1.34 -9.65
C ASP D 93 15.26 -0.31 -10.27
N ILE D 94 14.19 0.07 -9.58
CA ILE D 94 13.29 1.14 -10.02
C ILE D 94 13.30 2.25 -8.99
N VAL D 95 12.83 1.94 -7.79
CA VAL D 95 12.83 2.87 -6.66
C VAL D 95 13.67 2.25 -5.56
N PHE D 96 14.62 3.02 -5.04
CA PHE D 96 15.66 2.46 -4.19
C PHE D 96 15.17 2.26 -2.76
N GLY D 97 15.55 1.12 -2.19
CA GLY D 97 15.46 0.90 -0.76
C GLY D 97 16.82 1.12 -0.14
N PHE D 98 16.82 1.63 1.09
CA PHE D 98 18.05 2.01 1.78
C PHE D 98 18.31 1.07 2.95
N ARG D 99 19.60 0.78 3.18
CA ARG D 99 20.02 0.03 4.36
C ARG D 99 21.13 0.79 5.09
N CYS D 100 21.61 0.19 6.17
CA CYS D 100 22.79 0.66 6.90
C CYS D 100 23.66 -0.55 7.20
N VAL D 101 24.71 -0.76 6.38
CA VAL D 101 25.69 -1.82 6.59
C VAL D 101 26.96 -1.19 7.15
N ALA D 102 27.57 -1.86 8.12
CA ALA D 102 28.73 -1.31 8.80
C ALA D 102 29.94 -1.27 7.87
N CYS D 103 30.85 -0.34 8.17
CA CYS D 103 32.07 -0.19 7.37
C CYS D 103 33.01 -1.36 7.63
N ALA D 104 33.53 -1.95 6.55
CA ALA D 104 34.54 -2.97 6.70
C ALA D 104 35.82 -2.39 7.31
N MET D 105 36.62 -3.25 7.93
CA MET D 105 37.86 -2.80 8.54
C MET D 105 38.79 -2.20 7.49
N GLY D 106 39.53 -1.17 7.90
CA GLY D 106 40.30 -0.37 6.98
C GLY D 106 39.56 0.84 6.44
N THR D 107 38.24 0.90 6.60
CA THR D 107 37.44 2.04 6.21
C THR D 107 36.78 2.65 7.44
N PHE D 108 36.41 3.92 7.33
CA PHE D 108 35.80 4.62 8.46
C PHE D 108 34.74 5.58 7.94
N SER D 109 33.83 5.95 8.85
CA SER D 109 32.80 6.94 8.56
C SER D 109 32.43 7.59 9.89
N ALA D 110 32.81 8.85 10.08
CA ALA D 110 32.59 9.57 11.33
C ALA D 110 31.42 10.55 11.23
N GLY D 111 30.46 10.27 10.36
CA GLY D 111 29.33 11.16 10.19
C GLY D 111 28.15 10.40 9.63
N ARG D 112 27.05 11.13 9.44
CA ARG D 112 25.80 10.57 8.94
C ARG D 112 25.72 10.58 7.42
N ASP D 113 26.86 10.67 6.72
CA ASP D 113 26.84 10.61 5.27
C ASP D 113 26.34 9.26 4.79
N GLY D 114 27.06 8.19 5.13
CA GLY D 114 26.68 6.86 4.72
C GLY D 114 27.60 6.20 3.71
N HIS D 115 28.78 6.75 3.47
CA HIS D 115 29.79 6.13 2.60
C HIS D 115 31.12 6.10 3.32
N CYS D 116 31.66 4.90 3.51
CA CYS D 116 32.89 4.75 4.27
C CYS D 116 34.08 5.30 3.48
N ARG D 117 34.94 6.04 4.17
CA ARG D 117 36.18 6.54 3.60
C ARG D 117 37.34 5.67 4.04
N LEU D 118 38.34 5.55 3.18
CA LEU D 118 39.51 4.76 3.50
C LEU D 118 40.33 5.42 4.61
N TRP D 119 41.08 4.60 5.35
CA TRP D 119 41.93 5.11 6.40
C TRP D 119 43.10 5.90 5.81
N THR D 120 43.54 6.91 6.56
CA THR D 120 44.69 7.70 6.16
C THR D 120 45.96 6.95 6.53
N ASN D 121 46.69 6.48 5.52
CA ASN D 121 47.92 5.72 5.74
C ASN D 121 49.03 6.69 6.10
N CYS D 122 49.50 6.62 7.35
CA CYS D 122 50.55 7.53 7.80
C CYS D 122 51.91 7.13 7.23
N SER D 123 52.14 5.84 7.05
CA SER D 123 53.45 5.38 6.58
C SER D 123 53.74 5.79 5.14
N GLN D 124 52.70 6.10 4.35
CA GLN D 124 52.92 6.56 2.98
C GLN D 124 53.53 7.95 2.93
N PHE D 125 53.39 8.74 3.99
CA PHE D 125 53.92 10.09 4.05
C PHE D 125 55.14 10.22 4.94
N GLY D 126 55.64 9.12 5.50
CA GLY D 126 56.75 9.19 6.42
C GLY D 126 56.38 9.56 7.83
N PHE D 127 55.11 9.45 8.19
CA PHE D 127 54.64 9.79 9.52
C PHE D 127 54.41 8.53 10.34
N LEU D 128 54.17 8.73 11.64
CA LEU D 128 53.87 7.66 12.56
C LEU D 128 52.43 7.82 13.06
N THR D 129 51.76 6.69 13.29
CA THR D 129 50.35 6.67 13.62
C THR D 129 50.19 6.82 15.12
N MET D 130 49.73 7.99 15.57
CA MET D 130 49.39 8.18 16.97
C MET D 130 48.10 7.44 17.35
N PHE D 131 47.28 7.11 16.36
CA PHE D 131 46.05 6.34 16.55
C PHE D 131 45.71 5.60 15.26
N PRO D 132 45.73 4.26 15.25
CA PRO D 132 45.42 3.54 14.02
C PRO D 132 44.01 3.81 13.51
N GLY D 133 43.04 3.84 14.40
CA GLY D 133 41.68 4.19 14.01
C GLY D 133 40.73 3.01 14.09
N ASN D 134 39.46 3.32 14.32
CA ASN D 134 38.40 2.32 14.29
C ASN D 134 37.38 2.73 13.22
N LYS D 135 36.29 1.96 13.12
CA LYS D 135 35.33 2.18 12.06
C LYS D 135 34.53 3.46 12.22
N THR D 136 34.80 4.27 13.24
CA THR D 136 34.12 5.55 13.43
C THR D 136 35.07 6.73 13.55
N HIS D 137 36.38 6.51 13.41
CA HIS D 137 37.34 7.60 13.47
C HIS D 137 38.52 7.27 12.57
N ASN D 138 39.18 8.31 12.08
CA ASN D 138 40.28 8.16 11.14
C ASN D 138 41.61 8.05 11.88
N ALA D 139 42.63 7.59 11.15
CA ALA D 139 43.97 7.52 11.70
C ALA D 139 44.55 8.91 11.88
N VAL D 140 45.16 9.16 13.03
CA VAL D 140 45.77 10.45 13.35
C VAL D 140 47.28 10.28 13.24
N CYS D 141 47.89 11.03 12.30
CA CYS D 141 49.31 10.96 12.06
C CYS D 141 50.02 12.13 12.71
N ILE D 142 51.30 11.91 13.05
CA ILE D 142 52.16 12.99 13.58
C ILE D 142 53.52 12.89 12.93
N PRO D 143 54.19 14.03 12.76
CA PRO D 143 55.51 14.03 12.11
C PRO D 143 56.56 13.33 12.97
N GLU D 144 57.74 13.17 12.38
CA GLU D 144 58.87 12.52 13.04
C GLU D 144 59.87 13.57 13.51
N PRO D 145 60.36 13.49 14.75
CA PRO D 145 61.29 14.49 15.27
C PRO D 145 62.74 14.18 14.97
C1 NAG E . 36.27 4.36 18.41
C2 NAG E . 35.91 3.73 19.75
C3 NAG E . 35.29 4.75 20.69
C4 NAG E . 36.14 6.01 20.76
C5 NAG E . 36.48 6.52 19.37
C6 NAG E . 37.38 7.75 19.44
C7 NAG E . 35.44 1.39 19.30
C8 NAG E . 34.37 0.36 19.08
N2 NAG E . 34.99 2.62 19.55
O3 NAG E . 35.16 4.18 22.00
O4 NAG E . 35.42 7.03 21.48
O5 NAG E . 37.13 5.49 18.63
O6 NAG E . 38.14 7.73 20.66
O7 NAG E . 36.62 1.12 19.24
C1 FUC E . 38.44 9.09 21.07
C2 FUC E . 39.57 9.07 22.11
C3 FUC E . 40.89 8.66 21.46
C4 FUC E . 41.15 9.45 20.20
C5 FUC E . 39.94 9.44 19.27
C6 FUC E . 40.18 10.29 18.04
O2 FUC E . 39.24 8.15 23.15
O3 FUC E . 41.96 8.86 22.39
O4 FUC E . 41.48 10.80 20.54
O5 FUC E . 38.80 9.93 19.99
C1 NAG F . -6.12 16.30 37.29
C2 NAG F . -5.24 17.48 36.86
C3 NAG F . -3.83 17.42 37.43
C4 NAG F . -3.82 17.15 38.92
C5 NAG F . -4.68 15.91 39.17
C6 NAG F . -4.71 15.52 40.65
C7 NAG F . -6.03 18.29 34.71
C8 NAG F . -5.83 18.28 33.23
N2 NAG F . -5.19 17.53 35.41
O3 NAG F . -3.16 18.66 37.18
O4 NAG F . -2.48 17.00 39.44
O5 NAG F . -6.01 16.14 38.71
O6 NAG F . -5.47 16.45 41.41
O7 NAG F . -6.91 18.93 35.24
C1 NAG F . -1.66 15.83 39.58
C2 NAG F . -0.21 16.24 39.35
C3 NAG F . 0.74 15.11 39.71
C4 NAG F . 0.42 14.53 41.09
C5 NAG F . -1.06 14.22 41.21
C6 NAG F . -1.40 13.71 42.61
C7 NAG F . -0.09 17.88 37.57
C8 NAG F . 0.19 18.13 36.12
N2 NAG F . -0.02 16.62 37.96
O3 NAG F . 2.09 15.60 39.70
O4 NAG F . 1.18 13.33 41.30
O5 NAG F . -1.82 15.40 40.94
O6 NAG F . -2.27 12.57 42.50
O7 NAG F . -0.37 18.79 38.35
C1 FUC F . -4.97 16.40 42.77
C2 FUC F . -5.90 17.18 43.70
C3 FUC F . -7.25 16.47 43.84
C4 FUC F . -7.06 15.00 44.15
C5 FUC F . -6.06 14.35 43.20
C6 FUC F . -5.83 12.89 43.55
O2 FUC F . -6.10 18.49 43.17
O3 FUC F . -8.00 17.09 44.87
O4 FUC F . -6.58 14.86 45.50
O5 FUC F . -4.83 15.06 43.24
#